data_4N3Y
#
_entry.id   4N3Y
#
_cell.length_a   90.007
_cell.length_b   28.857
_cell.length_c   107.973
_cell.angle_alpha   90.000
_cell.angle_beta   102.240
_cell.angle_gamma   90.000
#
_symmetry.space_group_name_H-M   'C 1 2 1'
#
loop_
_entity.id
_entity.type
_entity.pdbx_description
1 polymer 'Rab5 GDP/GTP exchange factor'
2 polymer 'Rab GTPase-binding effector protein 1'
3 water water
#
loop_
_entity_poly.entity_id
_entity_poly.type
_entity_poly.pdbx_seq_one_letter_code
_entity_poly.pdbx_strand_id
1 'polypeptide(L)' GSNLDLLSQLNERQERIMNEAKKLEKDLIDWTDGIAREVQDIVEK A
2 'polypeptide(L)'
;METRDQVKKLQLMLRQANDQLEKTMKDKQELEDFIKQSSEDSSHQISALVLRAQASEILLEELQQGLSQAKRDVQEQMAV
LMQSREQVSEEL
;
B,C
#
# COMPACT_ATOMS: atom_id res chain seq x y z
N GLN A 9 -5.16 -10.34 -1.10
CA GLN A 9 -4.22 -11.22 -1.86
C GLN A 9 -2.77 -10.79 -1.77
N LEU A 10 -2.52 -9.51 -1.53
CA LEU A 10 -1.15 -9.08 -1.49
C LEU A 10 -0.57 -9.45 -0.16
N ASN A 11 -1.33 -9.24 0.92
CA ASN A 11 -0.91 -9.70 2.24
C ASN A 11 -0.37 -11.11 2.12
N GLU A 12 -1.09 -11.88 1.31
CA GLU A 12 -0.84 -13.28 1.13
C GLU A 12 0.36 -13.61 0.21
N ARG A 13 0.41 -13.07 -1.01
CA ARG A 13 1.57 -13.38 -1.86
C ARG A 13 2.81 -12.68 -1.33
N GLN A 14 2.65 -11.73 -0.42
CA GLN A 14 3.79 -11.14 0.21
C GLN A 14 4.30 -12.08 1.24
N GLU A 15 3.44 -13.00 1.68
CA GLU A 15 3.88 -13.98 2.66
C GLU A 15 4.35 -15.30 2.06
N ARG A 16 4.11 -15.54 0.77
CA ARG A 16 4.75 -16.64 0.04
C ARG A 16 6.22 -16.27 -0.24
N ILE A 17 6.43 -15.07 -0.76
CA ILE A 17 7.76 -14.48 -0.83
C ILE A 17 8.44 -14.53 0.53
N MET A 18 7.70 -14.15 1.56
CA MET A 18 8.26 -14.10 2.92
C MET A 18 8.69 -15.49 3.42
N ASN A 19 7.81 -16.47 3.23
CA ASN A 19 8.09 -17.82 3.69
C ASN A 19 9.28 -18.45 2.92
N GLU A 20 9.31 -18.21 1.62
CA GLU A 20 10.35 -18.76 0.76
C GLU A 20 11.69 -18.08 1.03
N ALA A 21 11.64 -16.78 1.34
CA ALA A 21 12.82 -16.04 1.77
C ALA A 21 13.43 -16.62 3.05
N LYS A 22 12.59 -16.92 4.03
CA LYS A 22 13.06 -17.47 5.32
C LYS A 22 13.61 -18.86 5.25
N LYS A 23 13.02 -19.65 4.36
CA LYS A 23 13.47 -21.00 4.09
C LYS A 23 14.86 -20.94 3.43
N LEU A 24 15.02 -20.00 2.49
CA LEU A 24 16.31 -19.76 1.84
C LEU A 24 17.39 -19.30 2.81
N GLU A 25 17.02 -18.44 3.76
CA GLU A 25 17.94 -18.00 4.83
C GLU A 25 18.44 -19.22 5.56
N LYS A 26 17.53 -20.15 5.81
CA LYS A 26 17.86 -21.44 6.41
C LYS A 26 18.83 -22.23 5.52
N ASP A 27 18.48 -22.43 4.26
CA ASP A 27 19.28 -23.23 3.35
C ASP A 27 20.74 -22.79 3.22
N LEU A 28 20.95 -21.49 3.37
CA LEU A 28 22.29 -20.91 3.33
C LEU A 28 23.16 -21.46 4.47
N ILE A 29 22.62 -21.37 5.69
CA ILE A 29 23.28 -21.90 6.87
C ILE A 29 23.41 -23.44 6.81
N ASP A 30 22.38 -24.13 6.31
CA ASP A 30 22.41 -25.58 6.13
C ASP A 30 23.57 -25.97 5.25
N TRP A 31 23.75 -25.24 4.15
CA TRP A 31 24.79 -25.54 3.18
C TRP A 31 26.18 -25.31 3.74
N THR A 32 26.40 -24.11 4.27
CA THR A 32 27.70 -23.77 4.83
C THR A 32 28.17 -24.74 5.90
N ASP A 33 27.27 -25.12 6.81
CA ASP A 33 27.59 -26.09 7.86
C ASP A 33 27.77 -27.49 7.31
N GLY A 34 27.00 -27.84 6.28
CA GLY A 34 27.08 -29.15 5.66
C GLY A 34 28.44 -29.29 5.05
N ILE A 35 28.85 -28.28 4.28
CA ILE A 35 30.21 -28.25 3.75
C ILE A 35 31.28 -28.30 4.89
N ALA A 36 31.24 -27.37 5.85
CA ALA A 36 32.22 -27.35 6.96
C ALA A 36 32.25 -28.66 7.70
N ARG A 37 31.09 -29.19 8.03
CA ARG A 37 31.01 -30.51 8.62
C ARG A 37 31.76 -31.54 7.80
N GLU A 38 31.57 -31.57 6.47
CA GLU A 38 32.18 -32.58 5.62
C GLU A 38 33.67 -32.40 5.48
N VAL A 39 34.08 -31.16 5.21
CA VAL A 39 35.51 -30.85 5.15
C VAL A 39 36.27 -31.26 6.45
N GLN A 40 35.72 -30.92 7.62
CA GLN A 40 36.39 -31.22 8.89
C GLN A 40 36.37 -32.71 9.23
N ASP A 41 35.35 -33.42 8.75
CA ASP A 41 35.36 -34.89 8.79
C ASP A 41 36.54 -35.43 7.97
N ILE A 42 37.06 -34.63 7.04
CA ILE A 42 38.23 -35.02 6.26
C ILE A 42 39.56 -34.66 6.94
N VAL A 43 39.51 -34.20 8.19
CA VAL A 43 40.72 -33.93 8.97
C VAL A 43 40.56 -34.46 10.41
N GLU B 2 -42.76 48.30 7.39
CA GLU B 2 -43.35 48.92 6.16
C GLU B 2 -43.42 47.89 5.02
N THR B 3 -44.64 47.55 4.57
CA THR B 3 -44.84 46.42 3.63
C THR B 3 -44.03 46.47 2.30
N ARG B 4 -43.83 47.65 1.71
CA ARG B 4 -43.02 47.81 0.44
C ARG B 4 -41.49 47.55 0.53
N ASP B 5 -40.84 48.26 1.44
CA ASP B 5 -39.42 48.06 1.77
C ASP B 5 -39.20 46.59 2.14
N GLN B 6 -40.19 46.03 2.85
CA GLN B 6 -40.10 44.70 3.43
C GLN B 6 -40.10 43.62 2.35
N VAL B 7 -40.99 43.77 1.37
CA VAL B 7 -41.01 42.91 0.20
C VAL B 7 -39.62 42.95 -0.46
N LYS B 8 -39.10 44.13 -0.73
CA LYS B 8 -37.80 44.24 -1.39
C LYS B 8 -36.66 43.58 -0.60
N LYS B 9 -36.64 43.78 0.70
CA LYS B 9 -35.62 43.16 1.54
C LYS B 9 -35.79 41.64 1.43
N LEU B 10 -37.01 41.17 1.56
CA LEU B 10 -37.27 39.73 1.56
C LEU B 10 -36.89 39.09 0.21
N GLN B 11 -37.07 39.82 -0.88
CA GLN B 11 -36.70 39.25 -2.18
C GLN B 11 -35.18 39.15 -2.30
N LEU B 12 -34.47 40.15 -1.78
CA LEU B 12 -32.99 40.13 -1.80
C LEU B 12 -32.52 38.93 -0.98
N MET B 13 -33.11 38.77 0.20
CA MET B 13 -32.69 37.68 1.06
C MET B 13 -32.98 36.31 0.42
N LEU B 14 -34.08 36.21 -0.33
CA LEU B 14 -34.48 34.94 -0.94
C LEU B 14 -33.48 34.65 -2.06
N ARG B 15 -33.16 35.67 -2.82
CA ARG B 15 -32.20 35.53 -3.87
C ARG B 15 -30.86 35.04 -3.28
N GLN B 16 -30.39 35.66 -2.20
CA GLN B 16 -29.11 35.28 -1.62
C GLN B 16 -29.19 33.86 -1.07
N ALA B 17 -30.31 33.50 -0.45
CA ALA B 17 -30.49 32.11 0.04
C ALA B 17 -30.43 31.08 -1.09
N ASN B 18 -31.15 31.34 -2.18
CA ASN B 18 -31.11 30.39 -3.30
C ASN B 18 -29.69 30.32 -3.98
N ASP B 19 -28.98 31.43 -4.08
CA ASP B 19 -27.60 31.38 -4.63
C ASP B 19 -26.74 30.51 -3.74
N GLN B 20 -26.85 30.75 -2.44
CA GLN B 20 -26.14 29.95 -1.47
C GLN B 20 -26.48 28.43 -1.59
N LEU B 21 -27.76 28.11 -1.79
CA LEU B 21 -28.16 26.73 -1.93
C LEU B 21 -27.55 26.08 -3.19
N GLU B 22 -27.48 26.85 -4.27
CA GLU B 22 -26.89 26.34 -5.50
C GLU B 22 -25.39 26.06 -5.29
N LYS B 23 -24.67 26.97 -4.64
CA LYS B 23 -23.26 26.72 -4.36
C LYS B 23 -23.07 25.52 -3.46
N THR B 24 -23.87 25.37 -2.40
CA THR B 24 -23.67 24.23 -1.51
C THR B 24 -23.98 22.89 -2.24
N MET B 25 -24.90 22.92 -3.20
CA MET B 25 -25.16 21.73 -3.98
C MET B 25 -23.97 21.45 -4.93
N LYS B 26 -23.35 22.51 -5.47
CA LYS B 26 -22.13 22.35 -6.26
C LYS B 26 -21.06 21.67 -5.39
N ASP B 27 -20.89 22.15 -4.15
CA ASP B 27 -19.89 21.56 -3.28
C ASP B 27 -20.15 20.08 -2.99
N LYS B 28 -21.41 19.72 -2.74
CA LYS B 28 -21.80 18.31 -2.53
C LYS B 28 -21.40 17.50 -3.71
N GLN B 29 -21.71 17.97 -4.91
CA GLN B 29 -21.29 17.30 -6.14
C GLN B 29 -19.75 17.07 -6.20
N GLU B 30 -18.96 18.11 -5.89
CA GLU B 30 -17.50 17.98 -5.85
C GLU B 30 -17.04 16.95 -4.82
N LEU B 31 -17.71 16.86 -3.67
CA LEU B 31 -17.35 15.84 -2.68
C LEU B 31 -17.69 14.42 -3.19
N GLU B 32 -18.84 14.28 -3.83
CA GLU B 32 -19.22 12.98 -4.42
C GLU B 32 -18.16 12.54 -5.47
N ASP B 33 -17.75 13.46 -6.36
CA ASP B 33 -16.67 13.15 -7.32
C ASP B 33 -15.38 12.82 -6.62
N PHE B 34 -15.12 13.46 -5.48
CA PHE B 34 -13.88 13.19 -4.77
C PHE B 34 -13.88 11.76 -4.18
N ILE B 35 -15.02 11.27 -3.74
CA ILE B 35 -15.09 9.94 -3.20
C ILE B 35 -14.64 8.98 -4.28
N LYS B 36 -15.09 9.22 -5.50
CA LYS B 36 -14.67 8.42 -6.65
C LYS B 36 -13.15 8.50 -6.85
N GLN B 37 -12.64 9.70 -7.05
CA GLN B 37 -11.22 9.87 -7.28
C GLN B 37 -10.36 9.25 -6.17
N SER B 38 -10.78 9.36 -4.93
CA SER B 38 -10.05 8.88 -3.80
C SER B 38 -9.96 7.34 -3.89
N SER B 39 -11.07 6.72 -4.31
CA SER B 39 -11.11 5.28 -4.58
C SER B 39 -10.08 4.90 -5.67
N GLU B 40 -10.11 5.56 -6.82
CA GLU B 40 -9.10 5.32 -7.87
C GLU B 40 -7.67 5.40 -7.38
N ASP B 41 -7.36 6.39 -6.55
CA ASP B 41 -6.01 6.63 -6.05
C ASP B 41 -5.55 5.46 -5.23
N SER B 42 -6.41 4.94 -4.37
CA SER B 42 -6.05 3.83 -3.51
C SER B 42 -5.74 2.61 -4.38
N SER B 43 -6.59 2.38 -5.39
CA SER B 43 -6.34 1.34 -6.38
C SER B 43 -4.93 1.46 -7.01
N HIS B 44 -4.62 2.58 -7.62
CA HIS B 44 -3.28 2.84 -8.15
C HIS B 44 -2.15 2.51 -7.12
N GLN B 45 -2.36 2.82 -5.83
CA GLN B 45 -1.42 2.43 -4.79
C GLN B 45 -1.20 0.91 -4.72
N ILE B 46 -2.27 0.17 -4.90
CA ILE B 46 -2.23 -1.26 -4.84
C ILE B 46 -1.50 -1.83 -6.05
N SER B 47 -1.62 -1.15 -7.18
CA SER B 47 -0.86 -1.56 -8.37
C SER B 47 0.63 -1.32 -8.18
N ALA B 48 1.00 -0.23 -7.53
CA ALA B 48 2.40 -0.01 -7.25
C ALA B 48 2.92 -1.16 -6.39
N LEU B 49 2.06 -1.63 -5.47
CA LEU B 49 2.46 -2.64 -4.52
C LEU B 49 2.67 -3.97 -5.23
N VAL B 50 1.83 -4.22 -6.22
CA VAL B 50 1.94 -5.43 -7.02
C VAL B 50 3.21 -5.42 -7.84
N LEU B 51 3.61 -4.25 -8.33
CA LEU B 51 4.93 -4.11 -8.97
C LEU B 51 6.08 -4.47 -8.01
N ARG B 52 6.01 -4.01 -6.77
CA ARG B 52 7.03 -4.35 -5.81
C ARG B 52 7.10 -5.84 -5.51
N ALA B 53 5.96 -6.47 -5.43
CA ALA B 53 5.92 -7.86 -5.11
C ALA B 53 6.52 -8.68 -6.26
N GLN B 54 6.24 -8.28 -7.50
CA GLN B 54 6.84 -8.91 -8.68
C GLN B 54 8.35 -8.78 -8.69
N ALA B 55 8.88 -7.59 -8.46
CA ALA B 55 10.31 -7.42 -8.44
C ALA B 55 10.90 -8.36 -7.40
N SER B 56 10.24 -8.46 -6.25
CA SER B 56 10.77 -9.30 -5.17
C SER B 56 10.73 -10.79 -5.44
N GLU B 57 9.65 -11.27 -6.06
CA GLU B 57 9.57 -12.67 -6.48
C GLU B 57 10.68 -13.01 -7.48
N ILE B 58 10.95 -12.10 -8.41
CA ILE B 58 11.97 -12.31 -9.41
C ILE B 58 13.37 -12.40 -8.77
N LEU B 59 13.65 -11.52 -7.80
CA LEU B 59 14.88 -11.54 -7.06
C LEU B 59 15.04 -12.80 -6.24
N LEU B 60 14.01 -13.13 -5.48
CA LEU B 60 14.02 -14.37 -4.73
C LEU B 60 14.37 -15.56 -5.63
N GLU B 61 13.69 -15.67 -6.75
CA GLU B 61 13.89 -16.77 -7.66
C GLU B 61 15.35 -16.82 -8.10
N GLU B 62 15.94 -15.67 -8.39
CA GLU B 62 17.33 -15.66 -8.85
C GLU B 62 18.27 -16.13 -7.77
N LEU B 63 17.95 -15.82 -6.52
CA LEU B 63 18.78 -16.20 -5.40
C LEU B 63 18.66 -17.70 -5.15
N GLN B 64 17.46 -18.23 -5.31
CA GLN B 64 17.27 -19.68 -5.24
C GLN B 64 18.10 -20.39 -6.31
N GLN B 65 18.05 -19.91 -7.55
CA GLN B 65 18.85 -20.49 -8.63
C GLN B 65 20.33 -20.38 -8.33
N GLY B 66 20.74 -19.24 -7.78
CA GLY B 66 22.13 -18.99 -7.41
C GLY B 66 22.63 -19.94 -6.33
N LEU B 67 21.79 -20.22 -5.33
CA LEU B 67 22.18 -21.21 -4.33
C LEU B 67 22.37 -22.58 -4.97
N SER B 68 21.48 -22.95 -5.88
CA SER B 68 21.49 -24.29 -6.49
C SER B 68 22.74 -24.48 -7.30
N GLN B 69 23.00 -23.52 -8.19
CA GLN B 69 24.21 -23.47 -8.96
C GLN B 69 25.47 -23.50 -8.09
N ALA B 70 25.49 -22.76 -6.97
CA ALA B 70 26.62 -22.77 -6.04
C ALA B 70 26.88 -24.17 -5.49
N LYS B 71 25.82 -24.81 -4.99
CA LYS B 71 25.92 -26.18 -4.49
C LYS B 71 26.45 -27.15 -5.55
N ARG B 72 25.89 -27.08 -6.76
CA ARG B 72 26.28 -27.97 -7.83
C ARG B 72 27.79 -27.87 -8.08
N ASP B 73 28.29 -26.65 -8.26
CA ASP B 73 29.68 -26.51 -8.64
C ASP B 73 30.66 -26.76 -7.49
N VAL B 74 30.21 -26.59 -6.24
CA VAL B 74 31.02 -27.00 -5.10
C VAL B 74 31.03 -28.52 -4.93
N GLN B 75 29.95 -29.18 -5.38
CA GLN B 75 29.92 -30.63 -5.41
C GLN B 75 30.93 -31.18 -6.41
N GLU B 76 31.06 -30.54 -7.58
CA GLU B 76 32.06 -31.01 -8.54
C GLU B 76 33.49 -30.69 -8.09
N GLN B 77 33.71 -29.49 -7.59
CA GLN B 77 34.98 -29.08 -6.99
C GLN B 77 35.45 -30.08 -5.94
N MET B 78 34.54 -30.42 -5.03
CA MET B 78 34.82 -31.30 -3.91
C MET B 78 35.03 -32.73 -4.40
N ALA B 79 34.32 -33.13 -5.46
CA ALA B 79 34.50 -34.47 -6.05
C ALA B 79 35.93 -34.62 -6.53
N VAL B 80 36.41 -33.68 -7.33
CA VAL B 80 37.79 -33.77 -7.83
C VAL B 80 38.84 -33.61 -6.72
N LEU B 81 38.61 -32.69 -5.79
CA LEU B 81 39.52 -32.52 -4.66
C LEU B 81 39.60 -33.85 -3.88
N MET B 82 38.51 -34.63 -3.93
CA MET B 82 38.45 -35.95 -3.28
C MET B 82 38.84 -37.14 -4.16
N GLN B 83 38.84 -36.99 -5.49
CA GLN B 83 39.30 -38.07 -6.37
C GLN B 83 40.81 -38.29 -6.23
N SER B 84 41.47 -37.38 -5.51
CA SER B 84 42.92 -37.46 -5.23
C SER B 84 43.22 -38.34 -4.01
N GLU C 2 -52.16 43.66 -2.22
CA GLU C 2 -51.77 42.68 -1.16
C GLU C 2 -50.27 42.43 -1.22
N THR C 3 -49.50 43.45 -0.86
CA THR C 3 -48.08 43.24 -0.65
C THR C 3 -47.90 42.69 0.80
N ARG C 4 -48.97 42.70 1.61
CA ARG C 4 -49.00 42.08 2.96
C ARG C 4 -49.09 40.54 2.90
N ASP C 5 -50.00 40.03 2.06
CA ASP C 5 -50.03 38.58 1.74
C ASP C 5 -48.72 38.11 1.04
N GLN C 6 -48.21 38.96 0.14
CA GLN C 6 -46.97 38.71 -0.55
C GLN C 6 -45.82 38.62 0.44
N VAL C 7 -45.86 39.45 1.46
CA VAL C 7 -44.80 39.44 2.47
C VAL C 7 -44.85 38.12 3.21
N LYS C 8 -46.08 37.69 3.57
CA LYS C 8 -46.23 36.40 4.27
C LYS C 8 -45.77 35.22 3.42
N LYS C 9 -46.07 35.28 2.12
CA LYS C 9 -45.56 34.27 1.20
C LYS C 9 -44.03 34.21 1.19
N LEU C 10 -43.41 35.38 1.06
CA LEU C 10 -41.97 35.48 0.96
C LEU C 10 -41.33 35.00 2.26
N GLN C 11 -41.95 35.30 3.40
CA GLN C 11 -41.42 34.78 4.66
C GLN C 11 -41.46 33.26 4.67
N LEU C 12 -42.55 32.68 4.20
CA LEU C 12 -42.62 31.22 4.10
C LEU C 12 -41.53 30.68 3.17
N MET C 13 -41.41 31.26 1.99
CA MET C 13 -40.43 30.77 1.04
C MET C 13 -39.01 30.90 1.57
N LEU C 14 -38.72 31.97 2.33
CA LEU C 14 -37.42 32.15 2.95
C LEU C 14 -37.17 31.13 4.05
N ARG C 15 -38.17 30.84 4.86
CA ARG C 15 -38.07 29.73 5.81
C ARG C 15 -37.77 28.40 5.12
N GLN C 16 -38.48 28.08 4.02
CA GLN C 16 -38.25 26.80 3.31
C GLN C 16 -36.83 26.74 2.70
N ALA C 17 -36.33 27.87 2.18
CA ALA C 17 -35.00 27.95 1.59
C ALA C 17 -33.90 27.81 2.63
N ASN C 18 -34.09 28.43 3.78
CA ASN C 18 -33.09 28.31 4.83
C ASN C 18 -33.10 26.92 5.45
N ASP C 19 -34.27 26.32 5.59
CA ASP C 19 -34.34 24.89 5.96
C ASP C 19 -33.64 23.96 5.00
N GLN C 20 -33.87 24.20 3.73
CA GLN C 20 -33.20 23.44 2.65
C GLN C 20 -31.66 23.58 2.73
N LEU C 21 -31.20 24.82 2.90
CA LEU C 21 -29.78 25.08 3.07
C LEU C 21 -29.22 24.32 4.27
N GLU C 22 -29.94 24.32 5.37
CA GLU C 22 -29.48 23.67 6.58
C GLU C 22 -29.29 22.18 6.29
N LYS C 23 -30.26 21.60 5.59
CA LYS C 23 -30.25 20.19 5.36
C LYS C 23 -29.14 19.84 4.37
N THR C 24 -28.96 20.63 3.32
CA THR C 24 -27.94 20.36 2.36
C THR C 24 -26.54 20.51 3.01
N MET C 25 -26.39 21.44 3.95
CA MET C 25 -25.16 21.59 4.65
C MET C 25 -24.90 20.38 5.50
N LYS C 26 -25.95 19.80 6.07
CA LYS C 26 -25.78 18.60 6.90
C LYS C 26 -25.35 17.43 6.00
N ASP C 27 -25.91 17.38 4.79
CA ASP C 27 -25.54 16.39 3.79
C ASP C 27 -24.06 16.48 3.42
N LYS C 28 -23.59 17.70 3.18
CA LYS C 28 -22.19 17.94 2.86
C LYS C 28 -21.32 17.42 3.96
N GLN C 29 -21.65 17.74 5.19
CA GLN C 29 -20.89 17.25 6.33
C GLN C 29 -20.85 15.73 6.38
N GLU C 30 -21.95 15.08 6.09
CA GLU C 30 -21.97 13.61 5.98
C GLU C 30 -21.06 13.06 4.88
N LEU C 31 -20.97 13.76 3.74
CA LEU C 31 -20.05 13.35 2.70
C LEU C 31 -18.58 13.50 3.12
N GLU C 32 -18.25 14.64 3.73
CA GLU C 32 -16.91 14.88 4.25
C GLU C 32 -16.58 13.78 5.27
N ASP C 33 -17.51 13.43 6.16
CA ASP C 33 -17.22 12.36 7.10
C ASP C 33 -17.03 11.04 6.38
N PHE C 34 -17.79 10.79 5.32
CA PHE C 34 -17.69 9.50 4.58
C PHE C 34 -16.33 9.41 3.93
N ILE C 35 -15.89 10.50 3.30
CA ILE C 35 -14.55 10.58 2.73
C ILE C 35 -13.46 10.27 3.76
N LYS C 36 -13.53 10.92 4.90
CA LYS C 36 -12.55 10.71 5.96
C LYS C 36 -12.53 9.27 6.42
N GLN C 37 -13.66 8.72 6.79
CA GLN C 37 -13.76 7.31 7.20
C GLN C 37 -13.20 6.33 6.12
N SER C 38 -13.54 6.57 4.87
CA SER C 38 -13.12 5.73 3.77
C SER C 38 -11.60 5.76 3.59
N SER C 39 -11.01 6.95 3.70
CA SER C 39 -9.54 7.18 3.60
C SER C 39 -8.80 6.55 4.74
N GLU C 40 -9.34 6.63 5.94
CA GLU C 40 -8.71 6.05 7.10
C GLU C 40 -8.65 4.54 6.99
N ASP C 41 -9.74 3.95 6.54
CA ASP C 41 -9.81 2.52 6.35
C ASP C 41 -8.80 2.07 5.31
N SER C 42 -8.89 2.63 4.10
CA SER C 42 -8.03 2.17 3.03
C SER C 42 -6.53 2.40 3.36
N SER C 43 -6.22 3.47 4.08
CA SER C 43 -4.85 3.72 4.53
C SER C 43 -4.35 2.65 5.43
N HIS C 44 -5.15 2.25 6.42
CA HIS C 44 -4.84 1.11 7.25
C HIS C 44 -4.42 -0.09 6.40
N GLN C 45 -5.35 -0.63 5.63
CA GLN C 45 -5.05 -1.74 4.72
C GLN C 45 -3.70 -1.54 4.01
N ILE C 46 -3.58 -0.43 3.29
CA ILE C 46 -2.42 -0.16 2.44
C ILE C 46 -1.11 0.02 3.19
N SER C 47 -1.12 0.72 4.31
CA SER C 47 0.06 0.84 5.14
C SER C 47 0.51 -0.56 5.59
N ALA C 48 -0.43 -1.47 5.83
CA ALA C 48 -0.08 -2.84 6.18
C ALA C 48 0.68 -3.49 5.00
N LEU C 49 0.06 -3.52 3.82
CA LEU C 49 0.68 -4.06 2.60
C LEU C 49 2.08 -3.48 2.32
N VAL C 50 2.23 -2.18 2.59
CA VAL C 50 3.52 -1.50 2.40
C VAL C 50 4.60 -1.99 3.36
N LEU C 51 4.25 -2.12 4.65
CA LEU C 51 5.09 -2.72 5.67
C LEU C 51 5.60 -4.09 5.24
N ARG C 52 4.69 -4.99 4.85
CA ARG C 52 5.06 -6.33 4.35
C ARG C 52 6.01 -6.29 3.13
N ALA C 53 5.74 -5.40 2.18
CA ALA C 53 6.60 -5.19 1.02
C ALA C 53 8.01 -4.77 1.38
N GLN C 54 8.13 -3.79 2.27
CA GLN C 54 9.46 -3.26 2.52
C GLN C 54 10.28 -4.26 3.38
N ALA C 55 9.58 -5.13 4.12
CA ALA C 55 10.21 -6.13 4.94
C ALA C 55 10.84 -7.19 4.00
N SER C 56 10.01 -7.72 3.11
CA SER C 56 10.45 -8.53 2.01
C SER C 56 11.69 -7.97 1.34
N GLU C 57 11.67 -6.68 1.04
CA GLU C 57 12.75 -6.07 0.28
C GLU C 57 14.08 -5.98 0.98
N ILE C 58 14.04 -5.65 2.27
CA ILE C 58 15.25 -5.47 3.07
C ILE C 58 15.88 -6.85 3.34
N LEU C 59 15.01 -7.82 3.60
CA LEU C 59 15.40 -9.21 3.78
C LEU C 59 16.09 -9.73 2.53
N LEU C 60 15.42 -9.65 1.38
CA LEU C 60 16.00 -10.15 0.16
C LEU C 60 17.33 -9.45 -0.14
N GLU C 61 17.43 -8.18 0.26
CA GLU C 61 18.71 -7.49 0.10
C GLU C 61 19.81 -8.20 0.92
N GLU C 62 19.51 -8.45 2.19
CA GLU C 62 20.45 -9.09 3.06
C GLU C 62 20.74 -10.51 2.58
N LEU C 63 19.82 -11.13 1.85
CA LEU C 63 20.03 -12.48 1.36
C LEU C 63 20.97 -12.47 0.17
N GLN C 64 20.95 -11.41 -0.65
CA GLN C 64 21.98 -11.24 -1.68
C GLN C 64 23.33 -11.24 -0.99
N GLN C 65 23.45 -10.43 0.05
CA GLN C 65 24.68 -10.40 0.86
C GLN C 65 25.04 -11.79 1.38
N GLY C 66 24.11 -12.46 2.06
CA GLY C 66 24.37 -13.76 2.66
C GLY C 66 24.72 -14.85 1.66
N LEU C 67 24.23 -14.75 0.43
CA LEU C 67 24.61 -15.65 -0.61
C LEU C 67 26.09 -15.41 -0.96
N SER C 68 26.49 -14.21 -1.35
CA SER C 68 27.93 -13.96 -1.58
C SER C 68 28.76 -14.48 -0.43
N GLN C 69 28.46 -13.99 0.76
CA GLN C 69 29.16 -14.39 1.98
C GLN C 69 29.20 -15.92 2.18
N ALA C 70 28.11 -16.63 1.86
CA ALA C 70 28.08 -18.10 1.99
C ALA C 70 29.02 -18.75 0.99
N LYS C 71 29.01 -18.27 -0.24
CA LYS C 71 29.92 -18.75 -1.23
C LYS C 71 31.41 -18.53 -0.83
N ARG C 72 31.71 -17.34 -0.27
CA ARG C 72 33.02 -17.02 0.31
C ARG C 72 33.45 -18.00 1.41
N ASP C 73 32.56 -18.24 2.35
CA ASP C 73 32.83 -19.19 3.43
C ASP C 73 33.13 -20.58 2.87
N VAL C 74 32.29 -21.07 1.98
CA VAL C 74 32.51 -22.39 1.37
C VAL C 74 33.83 -22.43 0.64
N GLN C 75 34.16 -21.36 -0.08
CA GLN C 75 35.44 -21.28 -0.80
C GLN C 75 36.66 -21.38 0.13
N GLU C 76 36.60 -20.72 1.28
CA GLU C 76 37.67 -20.84 2.27
C GLU C 76 37.75 -22.28 2.77
N GLN C 77 36.62 -22.96 2.84
CA GLN C 77 36.60 -24.40 3.19
C GLN C 77 37.27 -25.22 2.10
N MET C 78 37.13 -24.84 0.84
CA MET C 78 37.82 -25.58 -0.23
C MET C 78 39.32 -25.31 -0.21
N ALA C 79 39.69 -24.08 0.16
CA ALA C 79 41.09 -23.73 0.40
C ALA C 79 41.71 -24.67 1.43
N VAL C 80 41.07 -24.79 2.60
CA VAL C 80 41.62 -25.66 3.63
C VAL C 80 41.68 -27.11 3.15
N LEU C 81 40.60 -27.58 2.52
CA LEU C 81 40.55 -28.98 2.07
C LEU C 81 41.67 -29.25 1.08
N MET C 82 42.04 -28.23 0.35
CA MET C 82 43.10 -28.28 -0.64
C MET C 82 44.50 -28.43 -0.02
N GLN C 83 44.68 -27.91 1.21
CA GLN C 83 45.90 -28.13 2.01
C GLN C 83 45.89 -29.54 2.55
N SER C 84 46.10 -30.49 1.64
CA SER C 84 46.07 -31.94 1.90
C SER C 84 46.06 -32.70 0.57
#